data_5Q1G
#
_entry.id   5Q1G
#
_cell.length_a   34.525
_cell.length_b   161.647
_cell.length_c   110.049
_cell.angle_alpha   90.000
_cell.angle_beta   90.000
_cell.angle_gamma   90.000
#
_symmetry.space_group_name_H-M   'C 2 2 21'
#
loop_
_entity.id
_entity.type
_entity.pdbx_description
1 polymer 'Bile acid receptor'
2 polymer 'COACTIVATOR PEPTIDE SRC-1 HD3'
3 non-polymer (2E)-N-cyclohexyl-N-(cyclohexylcarbamoyl)-3-(4-fluorophenyl)prop-2-enamide
4 water water
#
loop_
_entity_poly.entity_id
_entity_poly.type
_entity_poly.pdbx_seq_one_letter_code
_entity_poly.pdbx_strand_id
1 'polypeptide(L)'
;GSHMELTPDQQTLLHFIMDSYNKQRMPQEITNKILKEAFSAEENFLILTEMATNHVQVLVEFTKKLPGFQTLDHEDQIAL
LKGSAVEAMFLRSAEIFNKKLPSGHSDLLEARIRNSGISDEYITPMFSFYKSIGELKMTQEEYALLTAIVILSPDRQYIK
DREAVEKLQEPLLDVLQKLCKIHQPENPQHFACLLGRLTELRTFNHHHAEMLMSWRVNDHKFTPLLCEIWDVQ
;
A
2 'polypeptide(L)' KDHQLLRYLLDKDE B
#
loop_
_chem_comp.id
_chem_comp.type
_chem_comp.name
_chem_comp.formula
9NM non-polymer (2E)-N-cyclohexyl-N-(cyclohexylcarbamoyl)-3-(4-fluorophenyl)prop-2-enamide 'C22 H29 F N2 O2'
#
# COMPACT_ATOMS: atom_id res chain seq x y z
N MET A 4 3.98 1.53 30.24
CA MET A 4 3.75 2.47 29.14
C MET A 4 2.84 1.87 28.05
N GLU A 5 1.53 1.89 28.31
CA GLU A 5 0.49 1.43 27.39
C GLU A 5 -0.03 2.63 26.60
N LEU A 6 -1.06 2.43 25.73
CA LEU A 6 -1.61 3.53 24.94
C LEU A 6 -2.43 4.47 25.78
N THR A 7 -2.32 5.77 25.51
CA THR A 7 -3.09 6.82 26.20
C THR A 7 -4.54 6.80 25.62
N PRO A 8 -5.58 7.38 26.26
CA PRO A 8 -6.94 7.32 25.66
C PRO A 8 -7.06 7.94 24.27
N ASP A 9 -6.33 9.03 23.96
CA ASP A 9 -6.35 9.65 22.63
C ASP A 9 -5.67 8.76 21.59
N GLN A 10 -4.70 7.93 22.02
CA GLN A 10 -3.99 6.99 21.16
C GLN A 10 -4.88 5.81 20.84
N GLN A 11 -5.69 5.40 21.82
CA GLN A 11 -6.67 4.32 21.63
C GLN A 11 -7.74 4.78 20.66
N THR A 12 -8.17 6.05 20.75
CA THR A 12 -9.17 6.63 19.84
C THR A 12 -8.62 6.66 18.42
N LEU A 13 -7.35 7.09 18.28
CA LEU A 13 -6.66 7.17 17.01
C LEU A 13 -6.56 5.79 16.37
N LEU A 14 -6.05 4.80 17.11
CA LEU A 14 -5.87 3.43 16.66
C LEU A 14 -7.17 2.79 16.16
N HIS A 15 -8.26 2.96 16.94
CA HIS A 15 -9.55 2.38 16.58
C HIS A 15 -10.09 2.96 15.28
N PHE A 16 -9.95 4.29 15.08
CA PHE A 16 -10.35 4.99 13.86
C PHE A 16 -9.61 4.39 12.69
N ILE A 17 -8.27 4.19 12.84
CA ILE A 17 -7.43 3.63 11.78
C ILE A 17 -7.89 2.20 11.48
N MET A 18 -8.10 1.37 12.52
CA MET A 18 -8.55 -0.01 12.36
C MET A 18 -9.88 -0.14 11.67
N ASP A 19 -10.86 0.65 12.09
CA ASP A 19 -12.19 0.60 11.48
C ASP A 19 -12.10 0.96 9.98
N SER A 20 -11.29 1.97 9.62
CA SER A 20 -11.24 2.37 8.21
C SER A 20 -10.39 1.42 7.37
N TYR A 21 -9.40 0.77 7.98
CA TYR A 21 -8.53 -0.16 7.24
C TYR A 21 -9.27 -1.47 6.87
N ASN A 22 -10.05 -2.03 7.82
CA ASN A 22 -10.84 -3.26 7.62
C ASN A 22 -12.21 -3.06 6.92
N LYS A 23 -12.24 -2.31 5.81
CA LYS A 23 -13.45 -2.06 5.01
C LYS A 23 -13.27 -2.66 3.62
N GLU A 29 -12.71 -5.99 -0.52
CA GLU A 29 -11.44 -6.64 -0.82
C GLU A 29 -11.16 -6.70 -2.31
N ILE A 30 -9.88 -6.50 -2.61
CA ILE A 30 -9.22 -6.45 -3.91
C ILE A 30 -9.44 -7.69 -4.78
N THR A 31 -9.57 -8.88 -4.13
CA THR A 31 -9.75 -10.19 -4.80
C THR A 31 -11.23 -10.61 -4.87
N ASN A 32 -11.82 -10.50 -6.09
CA ASN A 32 -13.20 -10.87 -6.37
C ASN A 32 -13.21 -12.30 -6.96
N LYS A 33 -12.95 -12.44 -8.28
CA LYS A 33 -12.93 -13.72 -8.97
C LYS A 33 -11.81 -13.78 -10.03
N ILE A 34 -10.63 -14.15 -9.53
CA ILE A 34 -9.34 -14.34 -10.20
C ILE A 34 -9.44 -15.66 -10.93
N LEU A 35 -10.05 -16.64 -10.23
CA LEU A 35 -10.29 -18.04 -10.58
C LEU A 35 -11.19 -18.22 -11.78
N LYS A 36 -12.29 -17.45 -11.90
CA LYS A 36 -13.25 -17.53 -13.01
C LYS A 36 -12.64 -17.30 -14.39
N GLU A 37 -11.41 -16.76 -14.43
CA GLU A 37 -10.71 -16.48 -15.69
C GLU A 37 -9.59 -17.47 -15.99
N ALA A 38 -9.34 -17.68 -17.28
CA ALA A 38 -8.29 -18.52 -17.84
C ALA A 38 -6.88 -17.96 -17.54
N PHE A 39 -5.86 -18.81 -17.72
CA PHE A 39 -4.46 -18.47 -17.49
C PHE A 39 -3.76 -18.36 -18.83
N SER A 40 -3.17 -17.20 -19.05
CA SER A 40 -2.40 -16.76 -20.22
C SER A 40 -1.96 -15.37 -19.83
N ALA A 41 -0.82 -14.89 -20.38
CA ALA A 41 -0.25 -13.57 -20.08
C ALA A 41 -1.21 -12.40 -20.23
N GLU A 42 -2.12 -12.45 -21.22
CA GLU A 42 -3.09 -11.38 -21.47
C GLU A 42 -4.11 -11.26 -20.35
N GLU A 43 -4.73 -12.39 -19.98
CA GLU A 43 -5.73 -12.44 -18.93
C GLU A 43 -5.09 -12.22 -17.59
N ASN A 44 -3.84 -12.65 -17.40
CA ASN A 44 -3.20 -12.43 -16.11
C ASN A 44 -2.95 -10.95 -15.93
N PHE A 45 -2.55 -10.24 -17.02
CA PHE A 45 -2.34 -8.78 -16.93
C PHE A 45 -3.64 -8.05 -16.58
N LEU A 46 -4.76 -8.42 -17.24
CA LEU A 46 -6.06 -7.77 -16.98
C LEU A 46 -6.55 -7.98 -15.56
N ILE A 47 -6.38 -9.18 -15.01
CA ILE A 47 -6.70 -9.48 -13.60
C ILE A 47 -5.85 -8.61 -12.68
N LEU A 48 -4.56 -8.52 -12.97
CA LEU A 48 -3.61 -7.71 -12.22
C LEU A 48 -4.03 -6.25 -12.20
N THR A 49 -4.35 -5.68 -13.38
CA THR A 49 -4.81 -4.30 -13.44
C THR A 49 -6.17 -4.11 -12.77
N GLU A 50 -7.06 -5.11 -12.85
CA GLU A 50 -8.38 -5.05 -12.19
C GLU A 50 -8.19 -5.02 -10.65
N MET A 51 -7.30 -5.87 -10.11
CA MET A 51 -7.01 -5.86 -8.68
C MET A 51 -6.30 -4.57 -8.26
N ALA A 52 -5.38 -4.03 -9.08
CA ALA A 52 -4.71 -2.79 -8.71
C ALA A 52 -5.73 -1.62 -8.70
N THR A 53 -6.72 -1.60 -9.63
CA THR A 53 -7.77 -0.57 -9.69
C THR A 53 -8.62 -0.66 -8.40
N ASN A 54 -9.03 -1.86 -8.03
CA ASN A 54 -9.81 -2.07 -6.79
C ASN A 54 -8.99 -1.57 -5.60
N HIS A 55 -7.67 -1.84 -5.56
CA HIS A 55 -6.85 -1.37 -4.46
C HIS A 55 -6.81 0.17 -4.40
N VAL A 56 -6.70 0.83 -5.56
CA VAL A 56 -6.71 2.30 -5.55
C VAL A 56 -8.00 2.86 -5.01
N GLN A 57 -9.14 2.25 -5.40
CA GLN A 57 -10.45 2.64 -4.88
C GLN A 57 -10.51 2.52 -3.35
N VAL A 58 -10.00 1.41 -2.77
CA VAL A 58 -10.05 1.27 -1.29
C VAL A 58 -9.02 2.19 -0.61
N LEU A 59 -7.91 2.49 -1.30
CA LEU A 59 -6.87 3.36 -0.76
C LEU A 59 -7.44 4.77 -0.60
N VAL A 60 -8.10 5.31 -1.64
CA VAL A 60 -8.68 6.65 -1.60
C VAL A 60 -9.68 6.75 -0.42
N GLU A 61 -10.55 5.72 -0.24
CA GLU A 61 -11.54 5.69 0.83
C GLU A 61 -10.88 5.66 2.22
N PHE A 62 -9.81 4.88 2.38
CA PHE A 62 -9.06 4.82 3.64
C PHE A 62 -8.40 6.19 3.92
N THR A 63 -7.73 6.76 2.90
CA THR A 63 -7.01 8.03 2.97
C THR A 63 -7.92 9.17 3.43
N LYS A 64 -9.13 9.28 2.86
CA LYS A 64 -10.02 10.39 3.15
C LYS A 64 -10.55 10.33 4.57
N LYS A 65 -10.46 9.16 5.19
CA LYS A 65 -10.88 8.95 6.57
C LYS A 65 -9.72 9.10 7.57
N LEU A 66 -8.45 9.27 7.12
CA LEU A 66 -7.34 9.41 8.07
C LEU A 66 -7.52 10.69 8.88
N PRO A 67 -7.39 10.66 10.23
CA PRO A 67 -7.63 11.89 11.02
C PRO A 67 -6.75 13.05 10.60
N GLY A 68 -7.42 14.15 10.27
CA GLY A 68 -6.80 15.40 9.85
C GLY A 68 -6.63 15.57 8.36
N PHE A 69 -6.75 14.48 7.57
CA PHE A 69 -6.56 14.51 6.11
C PHE A 69 -7.46 15.52 5.41
N GLN A 70 -8.75 15.58 5.81
CA GLN A 70 -9.73 16.51 5.25
C GLN A 70 -9.38 17.99 5.57
N THR A 71 -8.58 18.24 6.63
CA THR A 71 -8.17 19.60 7.03
C THR A 71 -7.07 20.15 6.09
N LEU A 72 -6.28 19.26 5.46
CA LEU A 72 -5.21 19.64 4.54
C LEU A 72 -5.77 20.27 3.26
N ASP A 73 -4.95 21.08 2.58
CA ASP A 73 -5.32 21.71 1.31
C ASP A 73 -5.51 20.65 0.24
N HIS A 74 -6.48 20.89 -0.65
CA HIS A 74 -6.88 20.00 -1.73
C HIS A 74 -5.71 19.48 -2.58
N GLU A 75 -4.76 20.37 -2.95
CA GLU A 75 -3.59 20.02 -3.76
C GLU A 75 -2.67 19.10 -2.96
N ASP A 76 -2.52 19.36 -1.65
CA ASP A 76 -1.68 18.50 -0.79
C ASP A 76 -2.35 17.14 -0.61
N GLN A 77 -3.71 17.11 -0.53
CA GLN A 77 -4.40 15.83 -0.48
C GLN A 77 -4.08 15.01 -1.75
N ILE A 78 -4.12 15.60 -2.95
CA ILE A 78 -3.77 14.86 -4.19
C ILE A 78 -2.29 14.45 -4.23
N ALA A 79 -1.36 15.35 -3.83
CA ALA A 79 0.07 15.02 -3.79
C ALA A 79 0.32 13.80 -2.87
N LEU A 80 -0.37 13.74 -1.72
CA LEU A 80 -0.20 12.58 -0.83
C LEU A 80 -0.71 11.29 -1.46
N LEU A 81 -1.88 11.33 -2.12
CA LEU A 81 -2.44 10.13 -2.75
C LEU A 81 -1.60 9.61 -3.90
N LYS A 82 -1.13 10.49 -4.80
CA LYS A 82 -0.31 10.02 -5.91
C LYS A 82 1.04 9.53 -5.45
N GLY A 83 1.65 10.24 -4.51
CA GLY A 83 2.97 9.87 -4.00
C GLY A 83 2.98 8.56 -3.24
N SER A 84 1.84 8.12 -2.69
CA SER A 84 1.85 6.90 -1.88
C SER A 84 1.29 5.66 -2.56
N ALA A 85 0.55 5.82 -3.66
CA ALA A 85 -0.22 4.73 -4.25
C ALA A 85 0.59 3.47 -4.55
N VAL A 86 1.78 3.62 -5.14
CA VAL A 86 2.63 2.46 -5.48
C VAL A 86 3.17 1.74 -4.21
N GLU A 87 3.71 2.51 -3.24
CA GLU A 87 4.19 1.89 -2.00
C GLU A 87 3.05 1.20 -1.27
N ALA A 88 1.90 1.85 -1.11
CA ALA A 88 0.74 1.25 -0.43
C ALA A 88 0.28 -0.04 -1.12
N MET A 89 0.37 -0.07 -2.45
CA MET A 89 0.03 -1.25 -3.25
C MET A 89 1.04 -2.39 -3.01
N PHE A 90 2.35 -2.08 -2.89
CA PHE A 90 3.32 -3.14 -2.60
C PHE A 90 3.20 -3.66 -1.17
N LEU A 91 2.88 -2.78 -0.22
CA LEU A 91 2.65 -3.16 1.18
C LEU A 91 1.43 -4.05 1.31
N ARG A 92 0.32 -3.69 0.65
CA ARG A 92 -0.89 -4.50 0.65
C ARG A 92 -0.60 -5.87 -0.02
N SER A 93 0.21 -5.89 -1.09
CA SER A 93 0.59 -7.12 -1.80
C SER A 93 1.38 -8.03 -0.88
N ALA A 94 2.32 -7.44 -0.09
CA ALA A 94 3.15 -8.16 0.87
C ALA A 94 2.28 -8.74 1.99
N GLU A 95 1.24 -8.01 2.40
CA GLU A 95 0.27 -8.49 3.38
C GLU A 95 -0.48 -9.70 2.84
N ILE A 96 -0.93 -9.63 1.57
CA ILE A 96 -1.66 -10.73 0.91
C ILE A 96 -0.74 -11.93 0.69
N PHE A 97 0.53 -11.69 0.24
CA PHE A 97 1.53 -12.76 0.04
C PHE A 97 1.74 -13.55 1.32
N ASN A 98 1.62 -12.89 2.47
CA ASN A 98 1.80 -13.49 3.78
C ASN A 98 0.48 -13.91 4.44
N LYS A 99 -0.66 -13.60 3.79
CA LYS A 99 -2.00 -13.96 4.27
C LYS A 99 -2.27 -15.46 4.02
N LYS A 100 -2.79 -16.14 5.06
CA LYS A 100 -3.20 -17.54 5.01
C LYS A 100 -4.46 -17.58 4.14
N LEU A 101 -4.32 -18.06 2.90
CA LEU A 101 -5.42 -18.12 1.93
C LEU A 101 -5.76 -19.59 1.60
N PRO A 102 -6.92 -19.89 0.98
CA PRO A 102 -7.25 -21.31 0.70
C PRO A 102 -6.23 -22.02 -0.18
N SER A 103 -6.14 -23.36 -0.02
CA SER A 103 -5.21 -24.25 -0.74
C SER A 103 -5.29 -24.08 -2.27
N GLY A 104 -4.42 -23.19 -2.78
CA GLY A 104 -4.32 -22.92 -4.21
C GLY A 104 -4.36 -21.47 -4.59
N HIS A 105 -5.16 -20.65 -3.89
CA HIS A 105 -5.38 -19.23 -4.18
C HIS A 105 -4.11 -18.39 -4.22
N SER A 106 -3.21 -18.56 -3.24
CA SER A 106 -1.94 -17.83 -3.20
C SER A 106 -1.08 -18.26 -4.39
N ASP A 107 -1.05 -19.58 -4.66
CA ASP A 107 -0.30 -20.23 -5.74
C ASP A 107 -0.78 -19.74 -7.13
N LEU A 108 -2.11 -19.53 -7.30
CA LEU A 108 -2.69 -19.02 -8.56
C LEU A 108 -2.34 -17.56 -8.75
N LEU A 109 -2.47 -16.76 -7.68
CA LEU A 109 -2.15 -15.35 -7.68
C LEU A 109 -0.67 -15.19 -8.05
N GLU A 110 0.21 -15.92 -7.35
CA GLU A 110 1.65 -15.94 -7.57
C GLU A 110 1.96 -16.35 -9.03
N ALA A 111 1.30 -17.40 -9.54
CA ALA A 111 1.51 -17.85 -10.92
C ALA A 111 1.04 -16.79 -11.92
N ARG A 112 -0.06 -16.08 -11.64
CA ARG A 112 -0.57 -15.04 -12.54
C ARG A 112 0.41 -13.87 -12.66
N ILE A 113 0.97 -13.41 -11.52
CA ILE A 113 1.91 -12.28 -11.50
C ILE A 113 3.22 -12.65 -12.24
N ARG A 114 3.63 -13.94 -12.20
CA ARG A 114 4.83 -14.40 -12.90
C ARG A 114 4.63 -14.51 -14.41
N ASN A 115 3.38 -14.51 -14.88
CA ASN A 115 3.06 -14.59 -16.30
C ASN A 115 2.14 -13.45 -16.68
N SER A 116 2.56 -12.23 -16.38
CA SER A 116 1.77 -11.03 -16.67
C SER A 116 2.57 -9.92 -17.37
N GLY A 117 3.70 -10.28 -17.99
CA GLY A 117 4.56 -9.32 -18.68
C GLY A 117 5.57 -8.61 -17.80
N ILE A 118 5.79 -9.11 -16.55
CA ILE A 118 6.76 -8.55 -15.61
C ILE A 118 8.04 -9.36 -15.67
N SER A 119 9.19 -8.71 -15.90
CA SER A 119 10.49 -9.36 -15.94
C SER A 119 10.82 -9.91 -14.57
N ASP A 120 11.40 -11.12 -14.54
CA ASP A 120 11.80 -11.81 -13.32
C ASP A 120 12.80 -10.99 -12.49
N GLU A 121 13.48 -9.99 -13.12
CA GLU A 121 14.39 -9.06 -12.43
C GLU A 121 13.62 -8.10 -11.50
N TYR A 122 12.27 -8.08 -11.62
CA TYR A 122 11.39 -7.28 -10.77
C TYR A 122 10.66 -8.23 -9.84
N ILE A 123 10.26 -9.41 -10.37
CA ILE A 123 9.60 -10.46 -9.60
C ILE A 123 10.49 -10.92 -8.43
N THR A 124 11.80 -11.12 -8.68
CA THR A 124 12.76 -11.53 -7.64
C THR A 124 12.75 -10.51 -6.47
N PRO A 125 13.06 -9.18 -6.65
CA PRO A 125 13.01 -8.25 -5.51
C PRO A 125 11.65 -8.19 -4.83
N MET A 126 10.56 -8.15 -5.63
CA MET A 126 9.19 -8.14 -5.15
C MET A 126 8.96 -9.21 -4.12
N PHE A 127 9.10 -10.48 -4.53
CA PHE A 127 8.88 -11.65 -3.68
C PHE A 127 9.88 -11.81 -2.55
N SER A 128 11.10 -11.23 -2.69
CA SER A 128 12.12 -11.21 -1.65
C SER A 128 11.64 -10.24 -0.57
N PHE A 129 11.10 -9.08 -1.00
CA PHE A 129 10.53 -8.08 -0.09
C PHE A 129 9.33 -8.66 0.64
N TYR A 130 8.46 -9.41 -0.07
CA TYR A 130 7.26 -10.03 0.49
C TYR A 130 7.63 -11.06 1.57
N LYS A 131 8.64 -11.90 1.29
CA LYS A 131 9.14 -12.90 2.24
C LYS A 131 9.75 -12.23 3.47
N SER A 132 10.46 -11.11 3.25
CA SER A 132 11.07 -10.29 4.30
C SER A 132 9.99 -9.74 5.26
N ILE A 133 8.83 -9.32 4.72
CA ILE A 133 7.69 -8.81 5.51
C ILE A 133 7.07 -9.89 6.40
N GLY A 134 6.84 -11.08 5.84
CA GLY A 134 6.26 -12.21 6.57
C GLY A 134 7.04 -12.65 7.77
N GLU A 135 8.38 -12.53 7.71
CA GLU A 135 9.26 -12.91 8.82
C GLU A 135 9.11 -11.98 10.05
N LEU A 136 8.52 -10.79 9.85
CA LEU A 136 8.24 -9.80 10.90
C LEU A 136 7.04 -10.18 11.72
N LYS A 137 6.10 -10.97 11.14
CA LYS A 137 4.89 -11.44 11.83
C LYS A 137 4.06 -10.26 12.32
N MET A 138 3.72 -9.35 11.38
CA MET A 138 2.94 -8.16 11.67
C MET A 138 1.47 -8.51 11.85
N THR A 139 0.83 -7.82 12.80
CA THR A 139 -0.59 -7.92 13.11
C THR A 139 -1.29 -6.96 12.13
N GLN A 140 -2.61 -7.10 12.03
CA GLN A 140 -3.46 -6.25 11.18
C GLN A 140 -3.31 -4.76 11.57
N GLU A 141 -3.07 -4.47 12.88
CA GLU A 141 -2.83 -3.11 13.38
C GLU A 141 -1.54 -2.54 12.82
N GLU A 142 -0.45 -3.35 12.79
CA GLU A 142 0.82 -2.91 12.22
C GLU A 142 0.69 -2.60 10.73
N TYR A 143 -0.06 -3.43 9.97
CA TYR A 143 -0.26 -3.13 8.55
C TYR A 143 -1.08 -1.87 8.35
N ALA A 144 -2.13 -1.67 9.18
CA ALA A 144 -2.99 -0.47 9.08
C ALA A 144 -2.21 0.82 9.36
N LEU A 145 -1.41 0.81 10.44
CA LEU A 145 -0.57 1.93 10.85
C LEU A 145 0.54 2.23 9.87
N LEU A 146 1.22 1.18 9.38
CA LEU A 146 2.29 1.38 8.40
C LEU A 146 1.71 2.05 7.13
N THR A 147 0.54 1.61 6.64
CA THR A 147 -0.13 2.20 5.47
C THR A 147 -0.40 3.69 5.71
N ALA A 148 -1.00 4.04 6.89
CA ALA A 148 -1.31 5.43 7.26
C ALA A 148 -0.02 6.31 7.29
N ILE A 149 1.09 5.74 7.78
CA ILE A 149 2.38 6.42 7.86
C ILE A 149 2.97 6.64 6.45
N VAL A 150 2.82 5.64 5.57
CA VAL A 150 3.27 5.73 4.17
C VAL A 150 2.49 6.87 3.43
N ILE A 151 1.17 6.92 3.64
CA ILE A 151 0.31 7.92 3.02
C ILE A 151 0.60 9.30 3.57
N LEU A 152 0.82 9.40 4.89
CA LEU A 152 1.04 10.73 5.49
C LEU A 152 2.51 11.05 5.56
N SER A 153 3.26 10.86 4.46
CA SER A 153 4.68 11.17 4.37
C SER A 153 4.90 12.66 4.11
N PRO A 154 5.62 13.40 4.99
CA PRO A 154 5.85 14.83 4.72
C PRO A 154 6.91 15.08 3.65
N ASP A 155 7.61 14.04 3.17
CA ASP A 155 8.64 14.29 2.17
C ASP A 155 8.22 13.86 0.76
N ARG A 156 6.92 13.96 0.43
CA ARG A 156 6.49 13.69 -0.94
C ARG A 156 6.68 14.96 -1.77
N GLN A 157 6.77 14.79 -3.06
CA GLN A 157 6.87 15.92 -3.97
C GLN A 157 5.52 16.66 -3.99
N TYR A 158 5.55 17.98 -4.20
CA TYR A 158 4.43 18.91 -4.36
C TYR A 158 3.60 19.17 -3.10
N ILE A 159 4.16 18.91 -1.91
CA ILE A 159 3.43 19.28 -0.70
C ILE A 159 3.73 20.76 -0.40
N LYS A 160 2.71 21.61 -0.35
CA LYS A 160 2.88 23.04 -0.04
C LYS A 160 3.00 23.26 1.47
N ASP A 161 2.31 22.44 2.29
CA ASP A 161 2.37 22.57 3.76
C ASP A 161 2.87 21.26 4.41
N ARG A 162 4.21 21.14 4.52
CA ARG A 162 4.88 19.94 5.05
C ARG A 162 4.73 19.76 6.55
N GLU A 163 4.71 20.86 7.35
CA GLU A 163 4.55 20.76 8.80
C GLU A 163 3.17 20.21 9.19
N ALA A 164 2.13 20.54 8.41
CA ALA A 164 0.76 20.05 8.61
C ALA A 164 0.77 18.52 8.46
N VAL A 165 1.45 17.99 7.40
CA VAL A 165 1.55 16.55 7.17
C VAL A 165 2.31 15.88 8.31
N GLU A 166 3.48 16.42 8.69
CA GLU A 166 4.30 15.89 9.79
C GLU A 166 3.48 15.84 11.10
N LYS A 167 2.62 16.88 11.33
CA LYS A 167 1.74 16.94 12.49
C LYS A 167 0.74 15.77 12.53
N LEU A 168 0.34 15.25 11.36
CA LEU A 168 -0.57 14.11 11.26
C LEU A 168 0.21 12.80 11.35
N GLN A 169 1.39 12.74 10.71
CA GLN A 169 2.18 11.52 10.74
C GLN A 169 2.74 11.17 12.14
N GLU A 170 3.28 12.16 12.86
CA GLU A 170 3.91 12.03 14.19
C GLU A 170 3.10 11.16 15.20
N PRO A 171 1.77 11.38 15.45
CA PRO A 171 1.07 10.53 16.43
C PRO A 171 0.97 9.08 15.98
N LEU A 172 0.92 8.84 14.66
CA LEU A 172 0.80 7.47 14.14
C LEU A 172 2.08 6.67 14.39
N LEU A 173 3.24 7.31 14.26
CA LEU A 173 4.54 6.69 14.51
C LEU A 173 4.70 6.37 15.99
N ASP A 174 4.20 7.26 16.85
CA ASP A 174 4.23 7.07 18.30
C ASP A 174 3.40 5.85 18.67
N VAL A 175 2.20 5.71 18.08
CA VAL A 175 1.33 4.55 18.33
C VAL A 175 2.03 3.26 17.86
N LEU A 176 2.62 3.27 16.65
CA LEU A 176 3.28 2.08 16.12
C LEU A 176 4.41 1.60 17.02
N GLN A 177 5.21 2.53 17.53
CA GLN A 177 6.29 2.23 18.45
C GLN A 177 5.76 1.45 19.67
N LYS A 178 4.65 1.95 20.29
CA LYS A 178 3.98 1.32 21.43
C LYS A 178 3.42 -0.09 21.09
N LEU A 179 2.76 -0.25 19.92
CA LEU A 179 2.23 -1.57 19.53
C LEU A 179 3.35 -2.60 19.39
N CYS A 180 4.50 -2.19 18.85
CA CYS A 180 5.64 -3.09 18.72
C CYS A 180 6.07 -3.64 20.07
N LYS A 181 6.06 -2.82 21.12
CA LYS A 181 6.39 -3.21 22.49
C LYS A 181 5.36 -4.19 23.07
N ILE A 182 4.06 -3.98 22.73
CA ILE A 182 2.96 -4.81 23.22
C ILE A 182 2.90 -6.16 22.50
N HIS A 183 2.99 -6.15 21.17
CA HIS A 183 2.83 -7.37 20.38
C HIS A 183 4.11 -8.12 20.08
N GLN A 184 5.27 -7.44 20.07
CA GLN A 184 6.56 -8.11 19.84
C GLN A 184 7.49 -7.74 21.01
N PRO A 185 7.21 -8.21 22.25
CA PRO A 185 8.03 -7.78 23.39
C PRO A 185 9.42 -8.40 23.47
N GLU A 186 9.62 -9.58 22.83
CA GLU A 186 10.90 -10.27 22.86
C GLU A 186 11.87 -9.74 21.79
N ASN A 187 11.37 -8.99 20.78
CA ASN A 187 12.23 -8.38 19.76
C ASN A 187 12.22 -6.84 19.95
N PRO A 188 13.13 -6.25 20.78
CA PRO A 188 13.09 -4.78 20.97
C PRO A 188 13.46 -3.95 19.73
N GLN A 189 14.00 -4.60 18.69
CA GLN A 189 14.41 -3.98 17.43
C GLN A 189 13.28 -4.03 16.41
N HIS A 190 12.08 -4.52 16.80
CA HIS A 190 10.94 -4.68 15.90
C HIS A 190 10.50 -3.39 15.21
N PHE A 191 10.40 -2.27 15.94
CA PHE A 191 9.99 -0.97 15.38
C PHE A 191 11.00 -0.49 14.33
N ALA A 192 12.30 -0.56 14.67
CA ALA A 192 13.39 -0.23 13.75
C ALA A 192 13.34 -1.14 12.51
N CYS A 193 12.97 -2.44 12.71
CA CYS A 193 12.83 -3.40 11.60
C CYS A 193 11.68 -2.98 10.69
N LEU A 194 10.56 -2.48 11.24
CA LEU A 194 9.44 -2.00 10.41
C LEU A 194 9.83 -0.79 9.60
N LEU A 195 10.61 0.13 10.18
CA LEU A 195 11.02 1.34 9.44
C LEU A 195 12.08 1.02 8.38
N GLY A 196 12.85 -0.05 8.60
CA GLY A 196 13.82 -0.56 7.63
C GLY A 196 13.10 -1.12 6.40
N ARG A 197 11.93 -1.72 6.61
CA ARG A 197 11.11 -2.25 5.50
C ARG A 197 10.45 -1.14 4.71
N LEU A 198 10.17 0.01 5.36
CA LEU A 198 9.61 1.19 4.69
C LEU A 198 10.63 1.76 3.73
N THR A 199 11.91 1.71 4.11
CA THR A 199 13.01 2.17 3.30
C THR A 199 13.10 1.25 2.06
N GLU A 200 12.99 -0.07 2.27
CA GLU A 200 13.03 -1.07 1.20
C GLU A 200 11.79 -0.89 0.28
N LEU A 201 10.66 -0.51 0.86
CA LEU A 201 9.40 -0.29 0.16
C LEU A 201 9.52 0.84 -0.87
N ARG A 202 10.22 1.92 -0.52
CA ARG A 202 10.46 3.06 -1.40
C ARG A 202 11.22 2.69 -2.70
N THR A 203 11.97 1.58 -2.71
CA THR A 203 12.73 1.18 -3.91
C THR A 203 11.80 0.67 -5.00
N PHE A 204 10.54 0.36 -4.64
CA PHE A 204 9.57 -0.15 -5.59
C PHE A 204 9.00 0.96 -6.47
N ASN A 205 9.12 2.25 -6.07
CA ASN A 205 8.68 3.37 -6.91
C ASN A 205 9.41 3.31 -8.25
N HIS A 206 10.75 3.09 -8.20
CA HIS A 206 11.64 2.98 -9.37
C HIS A 206 11.31 1.71 -10.19
N HIS A 207 11.21 0.54 -9.52
CA HIS A 207 10.89 -0.75 -10.14
C HIS A 207 9.55 -0.70 -10.87
N HIS A 208 8.55 -0.07 -10.26
CA HIS A 208 7.20 0.06 -10.82
C HIS A 208 7.24 0.89 -12.08
N ALA A 209 7.97 2.00 -12.05
CA ALA A 209 8.11 2.90 -13.19
C ALA A 209 8.78 2.14 -14.37
N GLU A 210 9.71 1.21 -14.05
CA GLU A 210 10.38 0.36 -15.05
C GLU A 210 9.40 -0.66 -15.64
N MET A 211 8.61 -1.32 -14.78
CA MET A 211 7.59 -2.29 -15.19
C MET A 211 6.59 -1.58 -16.09
N LEU A 212 6.20 -0.35 -15.72
CA LEU A 212 5.25 0.42 -16.53
C LEU A 212 5.77 0.69 -17.91
N MET A 213 7.03 1.10 -18.01
CA MET A 213 7.52 1.40 -19.34
C MET A 213 7.72 0.11 -20.19
N SER A 214 7.98 -1.06 -19.55
CA SER A 214 8.06 -2.33 -20.29
C SER A 214 6.67 -2.70 -20.80
N TRP A 215 5.62 -2.55 -19.98
CA TRP A 215 4.26 -2.86 -20.39
C TRP A 215 3.79 -1.97 -21.53
N ARG A 216 4.14 -0.66 -21.49
CA ARG A 216 3.77 0.34 -22.52
C ARG A 216 4.35 -0.03 -23.88
N VAL A 217 5.60 -0.51 -23.88
CA VAL A 217 6.36 -0.94 -25.06
C VAL A 217 5.70 -2.13 -25.76
N ASN A 218 5.11 -3.04 -24.97
CA ASN A 218 4.42 -4.23 -25.47
C ASN A 218 2.92 -3.96 -25.69
N ASP A 219 2.56 -2.66 -25.72
CA ASP A 219 1.23 -2.09 -25.97
C ASP A 219 0.13 -2.50 -24.98
N HIS A 220 0.51 -2.62 -23.71
CA HIS A 220 -0.49 -2.93 -22.68
C HIS A 220 -1.27 -1.67 -22.37
N LYS A 221 -2.57 -1.81 -22.17
CA LYS A 221 -3.43 -0.69 -21.86
C LYS A 221 -3.89 -0.78 -20.44
N PHE A 222 -3.90 0.35 -19.76
CA PHE A 222 -4.32 0.42 -18.35
C PHE A 222 -5.72 0.99 -18.19
N THR A 223 -6.34 0.73 -17.04
CA THR A 223 -7.68 1.22 -16.74
C THR A 223 -7.62 2.74 -16.49
N PRO A 224 -8.75 3.48 -16.67
CA PRO A 224 -8.72 4.95 -16.40
C PRO A 224 -8.17 5.38 -15.03
N LEU A 225 -8.57 4.73 -13.93
CA LEU A 225 -8.04 5.09 -12.60
C LEU A 225 -6.51 4.89 -12.46
N LEU A 226 -5.95 3.80 -13.00
CA LEU A 226 -4.49 3.58 -12.96
C LEU A 226 -3.76 4.57 -13.81
N CYS A 227 -4.35 4.98 -14.96
CA CYS A 227 -3.80 6.02 -15.82
C CYS A 227 -3.66 7.35 -15.04
N GLU A 228 -4.69 7.73 -14.28
CA GLU A 228 -4.63 8.96 -13.47
C GLU A 228 -3.65 8.87 -12.28
N ILE A 229 -3.75 7.84 -11.44
CA ILE A 229 -2.90 7.79 -10.24
C ILE A 229 -1.42 7.46 -10.56
N TRP A 230 -1.13 6.65 -11.58
CA TRP A 230 0.25 6.29 -11.93
C TRP A 230 0.85 7.18 -13.01
N ASP A 231 0.08 8.16 -13.56
CA ASP A 231 0.48 9.07 -14.66
C ASP A 231 1.01 8.28 -15.85
N VAL A 232 0.17 7.40 -16.42
CA VAL A 232 0.52 6.60 -17.58
C VAL A 232 0.01 7.34 -18.82
N HIS B 3 -5.56 15.08 -10.63
CA HIS B 3 -6.43 15.49 -11.74
C HIS B 3 -7.92 15.19 -11.40
N GLN B 4 -8.86 15.49 -12.34
CA GLN B 4 -10.32 15.36 -12.19
C GLN B 4 -10.82 14.03 -11.60
N LEU B 5 -10.33 12.85 -12.08
CA LEU B 5 -10.80 11.56 -11.55
C LEU B 5 -10.43 11.43 -10.05
N LEU B 6 -9.18 11.76 -9.66
CA LEU B 6 -8.77 11.75 -8.27
C LEU B 6 -9.58 12.72 -7.39
N ARG B 7 -9.86 13.93 -7.92
CA ARG B 7 -10.65 14.95 -7.21
C ARG B 7 -12.06 14.45 -7.04
N TYR B 8 -12.60 13.78 -8.08
CA TYR B 8 -13.95 13.21 -8.02
C TYR B 8 -14.00 12.15 -6.91
N LEU B 9 -13.01 11.25 -6.88
CA LEU B 9 -12.99 10.21 -5.84
C LEU B 9 -12.75 10.79 -4.44
N LEU B 10 -11.90 11.81 -4.30
CA LEU B 10 -11.67 12.44 -3.00
C LEU B 10 -12.92 13.16 -2.44
N ASP B 11 -13.80 13.69 -3.33
CA ASP B 11 -15.03 14.41 -2.99
C ASP B 11 -16.26 13.57 -3.35
C4 9NM C . 1.12 -11.70 -5.95
C5 9NM C . -1.03 -8.96 -5.68
C6 9NM C . 1.45 -8.48 -6.28
C7 9NM C . 0.25 -12.27 -3.16
C8 9NM C . 1.56 -12.96 -5.18
C13 9NM C . 0.51 -13.38 -4.17
C15 9NM C . 1.85 -6.88 -8.00
C17 9NM C . -2.83 -5.96 -7.13
C20 9NM C . -2.36 -4.83 -6.21
C21 9NM C . 2.94 -5.33 -9.55
C22 9NM C . 0.58 -5.07 -9.21
C24 9NM C . 2.94 -4.27 -10.44
C26 9NM C . 1.74 -3.63 -10.70
F27 9NM C . 1.73 -2.61 -11.56
C18 9NM C . 1.77 -5.74 -8.91
C11 9NM C . 1.07 -7.24 -7.00
O12 9NM C . 2.61 -8.85 -6.22
N2 9NM C . 0.43 -9.29 -5.67
C1 9NM C . 0.84 -10.54 -4.97
C3 9NM C . -0.16 -10.95 -3.84
O10 9NM C . -1.84 -9.68 -5.15
N9 9NM C . -1.36 -7.82 -6.31
C14 9NM C . -2.77 -7.33 -6.43
C16 9NM C . -3.49 -7.30 -5.05
C19 9NM C . -3.01 -6.14 -4.17
C23 9NM C . -3.14 -4.81 -4.87
C25 9NM C . 0.57 -3.99 -10.10
#